data_5YIP
#
_entry.id   5YIP
#
_cell.length_a   104.172
_cell.length_b   104.172
_cell.length_c   63.901
_cell.angle_alpha   90.000
_cell.angle_beta   90.000
_cell.angle_gamma   120.000
#
_symmetry.space_group_name_H-M   'P 64 2 2'
#
loop_
_entity.id
_entity.type
_entity.pdbx_description
1 polymer 'Gamma-aminobutyric acid receptor-associated protein-like 1'
2 polymer Ankyrin-3
3 non-polymer GLYCEROL
4 water water
#
loop_
_entity_poly.entity_id
_entity_poly.type
_entity_poly.pdbx_seq_one_letter_code
_entity_poly.pdbx_strand_id
1 'polypeptide(L)'
;GPGSEFMKFQYKEDHPFEYRKKEGEKIRKKYPDRVPVIVEKAPKARVPDLDKRKYLVPSDLTVGQFYFLIRKRIHLRPED
ALFFFVNNTIPPTSATMGQLYEDNHEEDYFLYVAYSDESVYGK
;
A
2 'polypeptide(L)' PEDDWTEFSSEEIREARQAAASHAPS B
#
loop_
_chem_comp.id
_chem_comp.type
_chem_comp.name
_chem_comp.formula
GOL non-polymer GLYCEROL 'C3 H8 O3'
#
# COMPACT_ATOMS: atom_id res chain seq x y z
N GLY A 1 -24.50 5.23 2.30
CA GLY A 1 -23.37 4.32 2.30
C GLY A 1 -22.74 4.20 3.68
N PRO A 2 -21.49 3.75 3.75
CA PRO A 2 -20.86 3.51 5.05
C PRO A 2 -20.41 4.81 5.70
N GLY A 3 -20.03 4.70 6.97
CA GLY A 3 -19.48 5.85 7.67
C GLY A 3 -18.17 6.28 7.05
N SER A 4 -17.82 7.55 7.25
CA SER A 4 -16.64 8.09 6.58
C SER A 4 -15.35 7.42 7.02
N GLU A 5 -15.32 6.87 8.24
CA GLU A 5 -14.10 6.22 8.73
C GLU A 5 -14.05 4.73 8.43
N PHE A 6 -15.06 4.17 7.77
CA PHE A 6 -14.98 2.77 7.37
C PHE A 6 -14.15 2.72 6.08
N MET A 7 -13.04 1.99 6.11
CA MET A 7 -12.13 1.97 4.96
C MET A 7 -12.75 1.18 3.78
N LYS A 8 -12.90 1.84 2.64
CA LYS A 8 -13.50 1.21 1.45
C LYS A 8 -12.46 1.19 0.34
N PHE A 9 -12.22 0.02 -0.25
CA PHE A 9 -11.27 -0.09 -1.37
C PHE A 9 -12.03 -0.50 -2.64
N GLN A 10 -11.90 0.31 -3.69
CA GLN A 10 -12.58 -0.01 -4.94
C GLN A 10 -12.10 -1.36 -5.45
N TYR A 11 -10.88 -1.78 -5.09
CA TYR A 11 -10.40 -3.12 -5.47
C TYR A 11 -11.36 -4.20 -5.00
N LYS A 12 -11.84 -4.08 -3.77
CA LYS A 12 -12.75 -5.08 -3.20
C LYS A 12 -14.13 -4.99 -3.83
N GLU A 13 -14.52 -3.79 -4.24
CA GLU A 13 -15.81 -3.60 -4.90
C GLU A 13 -15.80 -4.08 -6.34
N ASP A 14 -14.62 -4.21 -6.94
CA ASP A 14 -14.41 -4.65 -8.32
C ASP A 14 -14.03 -6.13 -8.45
N HIS A 15 -13.58 -6.79 -7.39
CA HIS A 15 -13.18 -8.19 -7.46
C HIS A 15 -13.79 -8.95 -6.29
N PRO A 16 -14.54 -10.02 -6.55
CA PRO A 16 -15.12 -10.83 -5.48
C PRO A 16 -14.07 -11.43 -4.54
N PHE A 17 -14.49 -11.67 -3.29
CA PHE A 17 -13.57 -12.19 -2.28
C PHE A 17 -12.89 -13.48 -2.74
N GLU A 18 -13.62 -14.34 -3.46
CA GLU A 18 -13.01 -15.59 -3.92
C GLU A 18 -11.82 -15.36 -4.82
N TYR A 19 -11.98 -14.47 -5.80
CA TYR A 19 -10.88 -14.15 -6.70
C TYR A 19 -9.69 -13.59 -5.95
N ARG A 20 -9.93 -12.68 -5.00
CA ARG A 20 -8.83 -12.07 -4.26
C ARG A 20 -8.08 -13.08 -3.41
N LYS A 21 -8.81 -13.94 -2.71
CA LYS A 21 -8.15 -14.91 -1.83
C LYS A 21 -7.36 -15.93 -2.63
N LYS A 22 -7.89 -16.40 -3.76
CA LYS A 22 -7.12 -17.34 -4.58
C LYS A 22 -5.80 -16.71 -5.00
N GLU A 23 -5.84 -15.46 -5.45
CA GLU A 23 -4.64 -14.77 -5.88
C GLU A 23 -3.69 -14.51 -4.73
N GLY A 24 -4.22 -14.03 -3.60
CA GLY A 24 -3.34 -13.66 -2.50
C GLY A 24 -2.68 -14.87 -1.88
N GLU A 25 -3.41 -15.98 -1.76
CA GLU A 25 -2.82 -17.19 -1.17
C GLU A 25 -1.76 -17.78 -2.09
N LYS A 26 -2.00 -17.76 -3.39
CA LYS A 26 -1.02 -18.31 -4.32
C LYS A 26 0.25 -17.47 -4.32
N ILE A 27 0.13 -16.14 -4.25
CA ILE A 27 1.32 -15.32 -4.39
C ILE A 27 2.17 -15.43 -3.13
N ARG A 28 1.54 -15.65 -1.98
CA ARG A 28 2.28 -15.79 -0.74
C ARG A 28 3.00 -17.13 -0.64
N LYS A 29 2.37 -18.20 -1.12
CA LYS A 29 3.05 -19.49 -1.12
C LYS A 29 4.22 -19.47 -2.09
N LYS A 30 4.08 -18.78 -3.21
CA LYS A 30 5.13 -18.75 -4.22
C LYS A 30 6.31 -17.89 -3.76
N TYR A 31 6.03 -16.66 -3.31
CA TYR A 31 7.05 -15.65 -3.00
C TYR A 31 6.96 -15.33 -1.52
N PRO A 32 7.57 -16.15 -0.66
CA PRO A 32 7.44 -15.92 0.78
C PRO A 32 8.19 -14.70 1.29
N ASP A 33 9.12 -14.14 0.52
CA ASP A 33 9.83 -12.94 0.93
C ASP A 33 9.28 -11.68 0.29
N ARG A 34 8.08 -11.75 -0.30
CA ARG A 34 7.41 -10.60 -0.88
C ARG A 34 6.02 -10.50 -0.26
N VAL A 35 5.48 -9.30 -0.20
CA VAL A 35 4.11 -9.18 0.32
C VAL A 35 3.24 -8.43 -0.67
N PRO A 36 2.01 -8.90 -0.88
CA PRO A 36 1.12 -8.25 -1.86
C PRO A 36 0.36 -7.12 -1.21
N VAL A 37 0.31 -5.96 -1.86
CA VAL A 37 -0.26 -4.76 -1.27
C VAL A 37 -1.14 -4.06 -2.29
N ILE A 38 -2.34 -3.67 -1.88
CA ILE A 38 -3.24 -2.82 -2.64
C ILE A 38 -3.13 -1.41 -2.08
N VAL A 39 -2.90 -0.42 -2.95
CA VAL A 39 -2.76 0.98 -2.56
C VAL A 39 -3.82 1.82 -3.28
N GLU A 40 -4.64 2.56 -2.54
CA GLU A 40 -5.69 3.39 -3.15
C GLU A 40 -5.84 4.70 -2.41
N LYS A 41 -6.35 5.71 -3.11
CA LYS A 41 -6.66 6.96 -2.40
C LYS A 41 -7.87 6.75 -1.51
N ALA A 42 -7.85 7.40 -0.35
CA ALA A 42 -9.04 7.45 0.49
C ALA A 42 -10.15 8.21 -0.24
N PRO A 43 -11.41 7.84 -0.01
CA PRO A 43 -12.51 8.45 -0.78
C PRO A 43 -12.55 9.96 -0.75
N LYS A 44 -12.28 10.61 0.39
CA LYS A 44 -12.42 12.05 0.45
C LYS A 44 -11.12 12.80 0.15
N ALA A 45 -10.07 12.08 -0.22
CA ALA A 45 -8.76 12.70 -0.39
C ALA A 45 -8.73 13.57 -1.65
N ARG A 46 -8.09 14.74 -1.54
CA ARG A 46 -7.85 15.60 -2.70
C ARG A 46 -6.41 15.37 -3.18
N VAL A 47 -6.19 14.15 -3.66
CA VAL A 47 -4.88 13.70 -4.13
C VAL A 47 -5.08 12.94 -5.43
N PRO A 48 -4.08 12.95 -6.30
CA PRO A 48 -4.24 12.20 -7.55
C PRO A 48 -4.35 10.71 -7.27
N ASP A 49 -5.07 10.03 -8.15
CA ASP A 49 -5.15 8.57 -8.14
C ASP A 49 -3.84 7.98 -8.63
N LEU A 50 -3.60 6.72 -8.26
CA LEU A 50 -2.39 6.03 -8.69
C LEU A 50 -2.66 5.32 -10.00
N ASP A 51 -1.65 5.35 -10.87
CA ASP A 51 -1.71 4.59 -12.10
C ASP A 51 -1.83 3.09 -11.79
N LYS A 52 -0.95 2.59 -10.93
CA LYS A 52 -0.82 1.18 -10.60
C LYS A 52 -1.18 1.04 -9.12
N ARG A 53 -2.08 0.13 -8.81
CA ARG A 53 -2.58 0.02 -7.45
C ARG A 53 -2.25 -1.31 -6.79
N LYS A 54 -1.60 -2.24 -7.49
CA LYS A 54 -1.33 -3.57 -6.95
C LYS A 54 0.17 -3.84 -6.96
N TYR A 55 0.77 -4.04 -5.79
CA TYR A 55 2.23 -4.12 -5.67
C TYR A 55 2.67 -5.43 -5.02
N LEU A 56 3.85 -5.89 -5.41
CA LEU A 56 4.49 -7.01 -4.75
C LEU A 56 5.80 -6.47 -4.20
N VAL A 57 5.90 -6.30 -2.89
CA VAL A 57 7.01 -5.53 -2.33
C VAL A 57 7.89 -6.43 -1.48
N PRO A 58 9.21 -6.16 -1.38
CA PRO A 58 10.07 -7.00 -0.54
C PRO A 58 9.69 -6.84 0.91
N SER A 59 9.75 -7.94 1.66
CA SER A 59 9.31 -7.87 3.04
CA SER A 59 9.31 -7.89 3.06
C SER A 59 10.25 -7.03 3.90
N ASP A 60 11.49 -6.82 3.48
CA ASP A 60 12.39 -6.01 4.29
C ASP A 60 12.42 -4.54 3.88
N LEU A 61 11.62 -4.15 2.90
CA LEU A 61 11.42 -2.73 2.63
C LEU A 61 10.67 -2.09 3.81
N THR A 62 11.13 -0.92 4.26
CA THR A 62 10.39 -0.30 5.35
C THR A 62 9.15 0.42 4.82
N VAL A 63 8.22 0.70 5.75
CA VAL A 63 7.03 1.48 5.43
C VAL A 63 7.42 2.86 4.90
N GLY A 64 8.43 3.48 5.53
CA GLY A 64 8.88 4.79 5.05
C GLY A 64 9.51 4.73 3.67
N GLN A 65 10.16 3.61 3.35
CA GLN A 65 10.74 3.47 2.00
C GLN A 65 9.62 3.26 0.97
N PHE A 66 8.63 2.45 1.33
CA PHE A 66 7.48 2.25 0.45
C PHE A 66 6.73 3.56 0.23
N TYR A 67 6.63 4.35 1.29
CA TYR A 67 5.99 5.66 1.20
C TYR A 67 6.73 6.56 0.21
N PHE A 68 8.06 6.62 0.29
CA PHE A 68 8.85 7.36 -0.68
C PHE A 68 8.50 6.95 -2.12
N LEU A 69 8.46 5.64 -2.36
CA LEU A 69 8.18 5.13 -3.71
C LEU A 69 6.76 5.49 -4.18
N ILE A 70 5.78 5.34 -3.30
CA ILE A 70 4.40 5.66 -3.67
C ILE A 70 4.26 7.15 -3.89
N ARG A 71 4.85 7.96 -3.01
CA ARG A 71 4.74 9.40 -3.17
C ARG A 71 5.38 9.86 -4.48
N LYS A 72 6.51 9.24 -4.84
CA LYS A 72 7.18 9.57 -6.09
C LYS A 72 6.25 9.35 -7.29
N ARG A 73 5.51 8.23 -7.28
CA ARG A 73 4.54 7.92 -8.34
C ARG A 73 3.38 8.90 -8.44
N ILE A 74 2.91 9.44 -7.32
CA ILE A 74 1.79 10.37 -7.34
C ILE A 74 2.19 11.76 -7.86
N HIS A 75 3.49 12.10 -7.87
CA HIS A 75 3.99 13.39 -8.35
C HIS A 75 3.34 14.56 -7.60
N LEU A 76 3.66 14.63 -6.31
CA LEU A 76 3.19 15.71 -5.45
C LEU A 76 4.12 16.91 -5.49
N ARG A 77 3.62 18.03 -4.98
CA ARG A 77 4.44 19.22 -4.79
C ARG A 77 5.28 19.07 -3.52
N PRO A 78 6.37 19.83 -3.41
CA PRO A 78 7.23 19.69 -2.24
C PRO A 78 6.53 20.05 -0.93
N GLU A 79 5.50 20.89 -0.98
CA GLU A 79 4.77 21.29 0.21
C GLU A 79 3.60 20.37 0.53
N ASP A 80 3.34 19.35 -0.28
CA ASP A 80 2.11 18.58 -0.12
C ASP A 80 2.21 17.56 1.01
N ALA A 81 1.08 17.35 1.68
CA ALA A 81 0.93 16.35 2.71
C ALA A 81 0.48 15.03 2.10
N LEU A 82 0.92 13.93 2.71
CA LEU A 82 0.40 12.62 2.33
C LEU A 82 0.56 11.70 3.53
N PHE A 83 -0.52 11.01 3.87
CA PHE A 83 -0.54 10.09 5.00
C PHE A 83 -1.02 8.73 4.49
N PHE A 84 -0.43 7.65 5.01
CA PHE A 84 -0.89 6.28 4.76
C PHE A 84 -1.78 5.86 5.90
N PHE A 85 -2.75 4.98 5.61
CA PHE A 85 -3.61 4.36 6.63
C PHE A 85 -3.67 2.87 6.39
N VAL A 86 -3.44 2.09 7.43
CA VAL A 86 -3.64 0.65 7.42
C VAL A 86 -4.53 0.34 8.62
N ASN A 87 -5.71 -0.24 8.37
CA ASN A 87 -6.65 -0.53 9.45
C ASN A 87 -6.87 0.71 10.32
N ASN A 88 -7.07 1.84 9.63
CA ASN A 88 -7.43 3.17 10.14
C ASN A 88 -6.34 3.91 10.90
N THR A 89 -5.12 3.41 10.96
CA THR A 89 -4.11 4.18 11.67
C THR A 89 -2.89 4.36 10.80
N ILE A 90 -2.15 5.43 11.10
CA ILE A 90 -0.96 5.72 10.31
C ILE A 90 0.12 4.72 10.72
N PRO A 91 0.64 3.90 9.82
CA PRO A 91 1.59 2.85 10.23
C PRO A 91 2.96 3.42 10.52
N PRO A 92 3.72 2.81 11.44
CA PRO A 92 5.01 3.38 11.82
C PRO A 92 5.98 3.24 10.66
N THR A 93 6.62 4.34 10.31
CA THR A 93 7.46 4.36 9.11
C THR A 93 8.69 3.47 9.28
N SER A 94 9.10 3.19 10.52
CA SER A 94 10.29 2.37 10.75
C SER A 94 10.00 0.87 10.69
N ALA A 95 8.74 0.47 10.65
CA ALA A 95 8.39 -0.94 10.50
C ALA A 95 8.72 -1.46 9.10
N THR A 96 8.97 -2.77 9.00
CA THR A 96 9.10 -3.37 7.68
C THR A 96 7.71 -3.67 7.10
N MET A 97 7.63 -3.68 5.79
CA MET A 97 6.39 -4.08 5.12
C MET A 97 6.02 -5.52 5.46
N GLY A 98 7.02 -6.39 5.65
CA GLY A 98 6.72 -7.74 6.09
C GLY A 98 6.02 -7.78 7.44
N GLN A 99 6.49 -6.99 8.41
CA GLN A 99 5.82 -6.97 9.70
C GLN A 99 4.44 -6.35 9.59
N LEU A 100 4.32 -5.26 8.82
CA LEU A 100 3.03 -4.62 8.65
C LEU A 100 2.05 -5.60 8.03
N TYR A 101 2.52 -6.35 7.04
CA TYR A 101 1.71 -7.39 6.41
C TYR A 101 1.30 -8.46 7.42
N GLU A 102 2.26 -8.98 8.18
CA GLU A 102 1.96 -10.08 9.11
C GLU A 102 0.85 -9.67 10.06
N ASP A 103 0.90 -8.43 10.54
CA ASP A 103 -0.08 -7.97 11.51
C ASP A 103 -1.41 -7.60 10.87
N ASN A 104 -1.40 -7.08 9.64
CA ASN A 104 -2.61 -6.43 9.13
C ASN A 104 -3.26 -7.04 7.91
N HIS A 105 -2.70 -8.07 7.29
CA HIS A 105 -3.32 -8.59 6.07
C HIS A 105 -4.72 -9.11 6.35
N GLU A 106 -5.57 -9.03 5.33
CA GLU A 106 -6.96 -9.47 5.48
C GLU A 106 -7.08 -10.96 5.15
N GLU A 107 -8.31 -11.48 5.16
CA GLU A 107 -8.50 -12.90 4.92
C GLU A 107 -8.26 -13.29 3.47
N ASP A 108 -8.14 -12.31 2.58
CA ASP A 108 -7.76 -12.61 1.19
C ASP A 108 -6.25 -12.57 1.01
N TYR A 109 -5.49 -12.36 2.09
CA TYR A 109 -4.03 -12.36 2.12
C TYR A 109 -3.42 -11.11 1.47
N PHE A 110 -4.21 -10.08 1.21
CA PHE A 110 -3.69 -8.80 0.77
C PHE A 110 -3.54 -7.87 1.98
N LEU A 111 -2.52 -7.02 1.92
CA LEU A 111 -2.43 -5.84 2.76
C LEU A 111 -3.02 -4.64 2.03
N TYR A 112 -3.87 -3.88 2.71
CA TYR A 112 -4.55 -2.75 2.09
C TYR A 112 -4.04 -1.44 2.70
N VAL A 113 -3.53 -0.54 1.85
CA VAL A 113 -3.01 0.77 2.28
C VAL A 113 -3.80 1.86 1.55
N ALA A 114 -4.33 2.80 2.30
CA ALA A 114 -4.98 3.97 1.72
C ALA A 114 -4.11 5.19 1.95
N TYR A 115 -4.24 6.21 1.10
CA TYR A 115 -3.51 7.46 1.30
C TYR A 115 -4.44 8.65 1.22
N SER A 116 -4.07 9.74 1.90
CA SER A 116 -4.90 10.93 1.90
C SER A 116 -4.01 12.13 2.13
N ASP A 117 -4.52 13.31 1.77
CA ASP A 117 -3.92 14.57 2.21
C ASP A 117 -4.28 14.94 3.63
N GLU A 118 -5.27 14.28 4.23
CA GLU A 118 -5.65 14.52 5.64
C GLU A 118 -5.06 13.42 6.52
N SER A 119 -4.79 13.78 7.78
CA SER A 119 -4.19 12.85 8.72
C SER A 119 -5.22 11.94 9.38
N VAL A 120 -6.50 12.09 9.03
CA VAL A 120 -7.56 11.19 9.47
C VAL A 120 -8.24 10.62 8.22
N TYR A 121 -8.43 9.30 8.19
CA TYR A 121 -8.85 8.63 6.95
C TYR A 121 -10.15 9.21 6.40
N GLY A 122 -11.13 9.47 7.24
CA GLY A 122 -12.40 9.85 6.67
C GLY A 122 -12.64 11.33 6.53
N LYS A 123 -11.60 12.16 6.64
CA LYS A 123 -11.85 13.59 6.67
C LYS A 123 -11.64 14.21 5.28
N PRO B 1 -4.86 -5.65 -19.76
CA PRO B 1 -4.12 -5.12 -18.61
C PRO B 1 -4.96 -5.12 -17.35
N GLU B 2 -5.91 -6.06 -17.29
CA GLU B 2 -6.90 -6.13 -16.22
C GLU B 2 -6.34 -5.82 -14.83
N ASP B 3 -5.42 -6.65 -14.32
CA ASP B 3 -4.99 -6.43 -12.93
C ASP B 3 -3.56 -6.89 -12.67
N ASP B 4 -2.58 -6.20 -13.27
CA ASP B 4 -1.20 -6.62 -13.16
C ASP B 4 -0.58 -6.31 -11.80
N TRP B 5 0.48 -7.04 -11.47
CA TRP B 5 1.33 -6.76 -10.32
C TRP B 5 2.40 -5.79 -10.79
N THR B 6 2.78 -4.88 -9.91
CA THR B 6 3.89 -3.97 -10.12
C THR B 6 4.94 -4.29 -9.08
N GLU B 7 6.18 -4.46 -9.54
CA GLU B 7 7.32 -4.63 -8.65
C GLU B 7 8.32 -3.52 -8.91
N PHE B 8 8.90 -2.96 -7.85
CA PHE B 8 9.92 -1.94 -8.04
C PHE B 8 11.21 -2.55 -8.57
N SER B 9 11.95 -1.76 -9.33
CA SER B 9 13.24 -2.22 -9.78
C SER B 9 14.24 -2.14 -8.64
N SER B 10 15.36 -2.88 -8.79
CA SER B 10 16.36 -2.87 -7.74
C SER B 10 16.91 -1.47 -7.49
N GLU B 11 17.14 -0.70 -8.57
CA GLU B 11 17.65 0.65 -8.41
C GLU B 11 16.63 1.54 -7.69
N GLU B 12 15.35 1.38 -8.00
CA GLU B 12 14.31 2.15 -7.32
C GLU B 12 14.34 1.86 -5.82
N ILE B 13 14.48 0.58 -5.46
CA ILE B 13 14.61 0.17 -4.06
C ILE B 13 15.85 0.80 -3.44
N ARG B 14 16.97 0.79 -4.18
CA ARG B 14 18.19 1.42 -3.67
C ARG B 14 17.99 2.90 -3.38
N GLU B 15 17.34 3.61 -4.29
CA GLU B 15 17.09 5.03 -4.07
C GLU B 15 16.22 5.24 -2.85
N ALA B 16 15.19 4.40 -2.68
CA ALA B 16 14.30 4.50 -1.52
C ALA B 16 15.05 4.28 -0.21
N ARG B 17 15.91 3.24 -0.17
CA ARG B 17 16.69 2.98 1.04
C ARG B 17 17.62 4.14 1.35
N GLN B 18 18.10 4.83 0.33
CA GLN B 18 18.98 5.98 0.57
C GLN B 18 18.19 7.20 1.05
N ALA B 19 17.00 7.43 0.48
CA ALA B 19 16.24 8.61 0.85
C ALA B 19 15.46 8.48 2.13
N ALA B 20 15.20 7.24 2.61
CA ALA B 20 14.42 6.98 3.81
C ALA B 20 15.16 5.90 4.60
N ALA B 21 16.41 6.19 4.96
CA ALA B 21 17.20 5.21 5.68
C ALA B 21 16.75 5.15 7.13
N SER B 22 17.11 4.05 7.81
CA SER B 22 16.82 3.93 9.22
C SER B 22 17.65 4.92 10.03
N HIS B 23 17.11 5.33 11.18
CA HIS B 23 17.79 6.31 12.03
C HIS B 23 18.87 5.66 12.89
C1 GOL C . -14.54 -7.35 2.31
O1 GOL C . -13.78 -7.42 3.49
C2 GOL C . -15.08 -8.76 2.02
O2 GOL C . -14.17 -9.75 2.36
C3 GOL C . -15.52 -8.78 0.52
O3 GOL C . -16.17 -7.56 0.25
#